data_2Y2J
#
_entry.id   2Y2J
#
_cell.length_a   97.960
_cell.length_b   149.037
_cell.length_c   97.283
_cell.angle_alpha   90.00
_cell.angle_beta   90.00
_cell.angle_gamma   90.00
#
_symmetry.space_group_name_H-M   'C 2 2 21'
#
loop_
_entity.id
_entity.type
_entity.pdbx_description
1 polymer 'PENICILLIN-BINDING PROTEIN 1B'
2 non-polymer [(2-FLUOROPHENYL)CARBONYLAMINO]METHYL-TRIHYDROXY-BORON
3 non-polymer 'SULFATE ION'
4 non-polymer 'CHLORIDE ION'
5 non-polymer 'SODIUM ION'
6 non-polymer 1,2-ETHANEDIOL
7 water water
#
_entity_poly.entity_id   1
_entity_poly.type   'polypeptide(L)'
_entity_poly.pdbx_seq_one_letter_code
;DISSISEITYSDGTVIASIESDLLRQDFLPSGTVTGISRDYLYFTTLAEAQERMYDYLAQRDNVSAKELKNEATQKFYRD
LAAKEIENGGYKITTTIDQKIHSAMQSAVADYGYLLDDGTGRVEVGNVLMDNQTGAILGFVGGRNYQENQNNHAFDTKRS
PASTTKPLLAYGIAIDQGLMGSETILSNYPTNFANGNPIMYANSKGTGMMTLGEALNYSWNIPAYWTYRMLRENGVDVKG
YMEKMGYEIPEYGIESLPMGGGIEVTVAQHTNGYQTLANNGVYHQKHVISKIEAADGRVVYEYQDKPVQVYSKATATIMQ
GLLREVLSSRVTTTFKSNLTSLNPTLANADWIGKTGTTGQDENMWLMLSTPRLTLGGWIGHDDNHSLSQQAGYSNNSNYM
AHLVNAIQQASPSIWGNERFALDPSVVKSEVLKSTGQKPGKVSVEGKEVEVTGSTVTSYWANKSGAPATSYRFAIGGSDA
DYQNAWSSIVGSLP
;
_entity_poly.pdbx_strand_id   A
#
loop_
_chem_comp.id
_chem_comp.type
_chem_comp.name
_chem_comp.formula
CL non-polymer 'CHLORIDE ION' 'Cl -1'
EDO non-polymer 1,2-ETHANEDIOL 'C2 H6 O2'
NA non-polymer 'SODIUM ION' 'Na 1'
SO4 non-polymer 'SULFATE ION' 'O4 S -2'
ZA4 non-polymer [(2-FLUOROPHENYL)CARBONYLAMINO]METHYL-TRIHYDROXY-BORON 'C8 H10 B F N O4 -1'
#
# COMPACT_ATOMS: atom_id res chain seq x y z
N ILE A 5 -24.56 4.31 31.09
CA ILE A 5 -23.49 4.90 30.22
C ILE A 5 -22.66 3.85 29.49
N SER A 6 -22.68 3.93 28.15
CA SER A 6 -21.81 3.16 27.29
C SER A 6 -20.39 3.75 27.23
N GLU A 7 -19.38 2.92 27.06
CA GLU A 7 -18.05 3.45 26.78
C GLU A 7 -17.26 2.82 25.64
N ILE A 8 -16.36 3.63 25.10
CA ILE A 8 -15.39 3.16 24.13
C ILE A 8 -14.05 3.04 24.85
N THR A 9 -13.41 1.89 24.69
CA THR A 9 -12.12 1.65 25.34
C THR A 9 -10.98 1.41 24.31
N TYR A 10 -9.78 1.79 24.71
CA TYR A 10 -8.54 1.27 24.13
C TYR A 10 -8.48 -0.27 24.21
N SER A 11 -7.49 -0.82 23.53
CA SER A 11 -7.33 -2.27 23.43
C SER A 11 -7.17 -2.95 24.78
N ASP A 12 -6.50 -2.28 25.72
CA ASP A 12 -6.33 -2.81 27.08
C ASP A 12 -7.50 -2.54 28.05
N GLY A 13 -8.60 -1.97 27.58
CA GLY A 13 -9.75 -1.76 28.46
C GLY A 13 -9.90 -0.35 29.06
N THR A 14 -8.84 0.45 29.06
CA THR A 14 -8.92 1.86 29.49
C THR A 14 -9.93 2.66 28.66
N VAL A 15 -10.75 3.42 29.37
CA VAL A 15 -11.84 4.15 28.72
C VAL A 15 -11.31 5.34 27.94
N ILE A 16 -11.73 5.40 26.68
CA ILE A 16 -11.56 6.57 25.86
C ILE A 16 -12.62 7.62 26.23
N ALA A 17 -13.88 7.23 26.28
CA ALA A 17 -14.98 8.17 26.51
C ALA A 17 -16.23 7.38 26.85
N SER A 18 -17.19 8.01 27.53
CA SER A 18 -18.61 7.59 27.46
C SER A 18 -19.42 8.24 26.32
N ILE A 19 -20.60 7.70 26.02
CA ILE A 19 -21.42 8.24 24.93
C ILE A 19 -22.67 8.96 25.45
N SER A 38 -13.52 13.12 23.45
CA SER A 38 -14.88 13.10 22.89
C SER A 38 -15.15 14.10 21.75
N ARG A 39 -14.21 15.02 21.46
CA ARG A 39 -14.28 15.80 20.21
C ARG A 39 -12.97 15.75 19.45
N ASP A 40 -12.58 14.52 19.12
CA ASP A 40 -11.54 14.34 18.13
C ASP A 40 -11.82 13.16 17.23
N TYR A 41 -10.96 12.96 16.23
CA TYR A 41 -11.07 11.83 15.31
C TYR A 41 -11.31 10.48 16.01
N LEU A 42 -10.51 10.16 17.03
CA LEU A 42 -10.63 8.85 17.71
C LEU A 42 -12.09 8.56 18.11
N TYR A 43 -12.67 9.51 18.85
CA TYR A 43 -14.09 9.42 19.27
C TYR A 43 -15.07 9.12 18.09
N PHE A 44 -15.04 9.96 17.06
CA PHE A 44 -16.09 9.93 16.04
C PHE A 44 -15.89 8.73 15.09
N THR A 45 -14.62 8.40 14.80
CA THR A 45 -14.25 7.21 13.99
C THR A 45 -14.69 5.89 14.63
N THR A 46 -14.32 5.67 15.90
CA THR A 46 -14.66 4.43 16.63
C THR A 46 -16.17 4.38 16.97
N LEU A 47 -16.79 5.54 17.15
CA LEU A 47 -18.25 5.61 17.37
C LEU A 47 -18.99 5.24 16.07
N ALA A 48 -18.52 5.79 14.94
CA ALA A 48 -19.16 5.50 13.67
C ALA A 48 -19.12 3.99 13.30
N GLU A 49 -17.99 3.36 13.52
CA GLU A 49 -17.84 1.96 13.22
C GLU A 49 -18.73 1.12 14.13
N ALA A 50 -18.70 1.44 15.42
CA ALA A 50 -19.56 0.81 16.40
C ALA A 50 -21.04 0.92 16.00
N GLN A 51 -21.48 2.08 15.51
CA GLN A 51 -22.88 2.26 15.13
C GLN A 51 -23.22 1.36 13.96
N GLU A 52 -22.31 1.23 13.01
CA GLU A 52 -22.49 0.29 11.90
C GLU A 52 -22.63 -1.16 12.36
N ARG A 53 -21.85 -1.54 13.37
CA ARG A 53 -21.91 -2.94 13.84
C ARG A 53 -23.24 -3.13 14.60
N MET A 54 -23.64 -2.10 15.36
CA MET A 54 -24.92 -2.11 16.08
C MET A 54 -26.11 -2.13 15.11
N TYR A 55 -25.96 -1.47 13.96
CA TYR A 55 -26.97 -1.46 12.93
C TYR A 55 -27.20 -2.89 12.45
N ASP A 56 -26.12 -3.60 12.10
CA ASP A 56 -26.31 -4.96 11.56
C ASP A 56 -26.86 -5.87 12.64
N TYR A 57 -26.38 -5.68 13.86
CA TYR A 57 -26.87 -6.50 14.97
C TYR A 57 -28.39 -6.30 15.20
N LEU A 58 -28.87 -5.04 15.17
CA LEU A 58 -30.25 -4.71 15.56
C LEU A 58 -31.25 -5.18 14.51
N ALA A 59 -30.91 -4.95 13.24
CA ALA A 59 -31.69 -5.45 12.08
C ALA A 59 -31.91 -6.95 12.15
N GLN A 60 -30.81 -7.69 12.36
CA GLN A 60 -30.92 -9.12 12.53
C GLN A 60 -31.78 -9.50 13.78
N ARG A 61 -31.48 -8.88 14.92
CA ARG A 61 -32.24 -9.15 16.16
C ARG A 61 -33.75 -9.01 15.88
N ASP A 62 -34.12 -7.90 15.24
CA ASP A 62 -35.49 -7.61 14.90
C ASP A 62 -36.02 -8.41 13.70
N ASN A 63 -35.23 -9.33 13.14
CA ASN A 63 -35.72 -10.20 12.04
C ASN A 63 -36.07 -9.39 10.78
N VAL A 64 -35.29 -8.36 10.51
CA VAL A 64 -35.45 -7.58 9.28
C VAL A 64 -34.61 -8.26 8.21
N SER A 65 -35.24 -8.69 7.13
CA SER A 65 -34.54 -9.34 6.00
C SER A 65 -33.61 -8.40 5.22
N ALA A 66 -32.82 -8.97 4.33
CA ALA A 66 -32.08 -8.21 3.31
C ALA A 66 -32.98 -7.34 2.42
N LYS A 67 -34.17 -7.84 2.08
CA LYS A 67 -35.08 -7.11 1.20
C LYS A 67 -35.66 -5.88 1.91
N GLU A 68 -36.11 -6.09 3.15
CA GLU A 68 -36.63 -5.01 3.97
C GLU A 68 -35.55 -3.99 4.34
N LEU A 69 -34.31 -4.47 4.41
CA LEU A 69 -33.17 -3.61 4.66
C LEU A 69 -32.83 -2.71 3.49
N LYS A 70 -33.34 -3.07 2.30
CA LYS A 70 -33.09 -2.26 1.10
C LYS A 70 -33.93 -1.01 1.15
N ASN A 71 -35.01 -1.05 1.92
CA ASN A 71 -35.91 0.09 2.00
C ASN A 71 -35.26 1.29 2.71
N GLU A 72 -35.14 2.41 2.01
CA GLU A 72 -34.32 3.53 2.50
C GLU A 72 -34.87 4.09 3.83
N ALA A 73 -36.19 4.15 3.96
CA ALA A 73 -36.84 4.57 5.22
C ALA A 73 -36.49 3.62 6.40
N THR A 74 -36.65 2.32 6.18
CA THR A 74 -36.16 1.31 7.13
C THR A 74 -34.70 1.47 7.51
N GLN A 75 -33.84 1.68 6.53
CA GLN A 75 -32.43 1.91 6.85
C GLN A 75 -32.18 3.09 7.78
N LYS A 76 -32.80 4.22 7.48
CA LYS A 76 -32.60 5.47 8.22
C LYS A 76 -33.06 5.24 9.68
N PHE A 77 -34.18 4.52 9.82
CA PHE A 77 -34.67 4.18 11.16
C PHE A 77 -33.68 3.33 11.96
N TYR A 78 -33.15 2.27 11.34
CA TYR A 78 -32.21 1.38 12.01
C TYR A 78 -30.84 2.06 12.31
N ARG A 79 -30.42 2.98 11.44
CA ARG A 79 -29.20 3.76 11.70
CA ARG A 79 -29.21 3.81 11.66
C ARG A 79 -29.42 4.69 12.90
N ASP A 80 -30.60 5.31 12.98
CA ASP A 80 -30.90 6.14 14.15
C ASP A 80 -31.04 5.24 15.41
N LEU A 81 -31.71 4.10 15.25
CA LEU A 81 -31.83 3.15 16.35
C LEU A 81 -30.44 2.77 16.90
N ALA A 82 -29.50 2.50 15.99
CA ALA A 82 -28.17 1.96 16.40
C ALA A 82 -27.47 3.01 17.23
N ALA A 83 -27.57 4.27 16.78
CA ALA A 83 -26.99 5.41 17.47
C ALA A 83 -27.57 5.64 18.87
N LYS A 84 -28.90 5.68 18.98
CA LYS A 84 -29.55 5.90 20.29
C LYS A 84 -29.23 4.71 21.19
N GLU A 85 -29.18 3.51 20.60
CA GLU A 85 -28.93 2.29 21.35
C GLU A 85 -27.60 2.36 22.15
N ILE A 86 -26.56 2.81 21.44
CA ILE A 86 -25.31 3.21 22.09
C ILE A 86 -25.45 4.34 23.14
N GLU A 87 -26.02 5.50 22.77
CA GLU A 87 -26.18 6.62 23.73
C GLU A 87 -26.85 6.24 25.06
N ASN A 88 -27.86 5.38 25.02
CA ASN A 88 -28.63 5.07 26.21
C ASN A 88 -28.39 3.70 26.83
N GLY A 89 -27.60 2.86 26.16
CA GLY A 89 -27.33 1.50 26.63
C GLY A 89 -26.11 1.40 27.54
N GLY A 90 -25.76 0.19 27.92
CA GLY A 90 -24.54 0.04 28.72
C GLY A 90 -23.46 -0.70 27.98
N TYR A 91 -23.31 -0.43 26.68
CA TYR A 91 -22.42 -1.25 25.85
C TYR A 91 -20.94 -0.97 26.09
N LYS A 92 -20.12 -2.00 25.95
CA LYS A 92 -18.71 -1.86 26.08
C LYS A 92 -18.08 -2.13 24.72
N ILE A 93 -17.55 -1.08 24.12
CA ILE A 93 -17.01 -1.14 22.78
C ILE A 93 -15.50 -1.21 22.91
N THR A 94 -14.96 -2.39 22.59
CA THR A 94 -13.51 -2.62 22.61
C THR A 94 -12.85 -2.30 21.24
N THR A 95 -12.01 -1.27 21.19
CA THR A 95 -11.26 -0.92 19.98
C THR A 95 -9.88 -1.57 19.97
N THR A 96 -9.19 -1.44 18.82
CA THR A 96 -7.87 -2.04 18.59
C THR A 96 -6.84 -0.97 18.95
N ILE A 97 -7.31 0.22 19.29
CA ILE A 97 -6.42 1.37 19.42
C ILE A 97 -5.52 1.23 20.64
N ASP A 98 -4.24 1.52 20.44
CA ASP A 98 -3.24 1.55 21.53
C ASP A 98 -3.14 3.01 22.01
N GLN A 99 -3.44 3.26 23.30
CA GLN A 99 -3.54 4.62 23.85
CA GLN A 99 -3.53 4.62 23.86
C GLN A 99 -2.24 5.40 23.72
N LYS A 100 -1.15 4.84 24.22
CA LYS A 100 0.13 5.51 24.15
C LYS A 100 0.50 5.85 22.71
N ILE A 101 0.31 4.87 21.82
CA ILE A 101 0.72 5.03 20.42
C ILE A 101 -0.13 6.09 19.72
N HIS A 102 -1.44 5.97 19.82
CA HIS A 102 -2.35 6.94 19.23
C HIS A 102 -2.18 8.39 19.75
N SER A 103 -2.09 8.58 21.07
CA SER A 103 -1.77 9.90 21.66
C SER A 103 -0.43 10.47 21.08
N ALA A 104 0.58 9.63 21.02
CA ALA A 104 1.89 10.02 20.41
C ALA A 104 1.76 10.45 18.95
N MET A 105 0.90 9.76 18.21
CA MET A 105 0.67 10.11 16.82
C MET A 105 -0.06 11.47 16.74
N GLN A 106 -0.96 11.75 17.70
CA GLN A 106 -1.64 13.06 17.71
C GLN A 106 -0.63 14.16 18.05
N SER A 107 0.19 13.93 19.07
CA SER A 107 1.26 14.90 19.43
C SER A 107 2.25 15.13 18.28
N ALA A 108 2.51 14.08 17.49
CA ALA A 108 3.46 14.20 16.35
C ALA A 108 2.91 15.14 15.26
N VAL A 109 1.64 14.97 14.90
CA VAL A 109 1.00 15.75 13.89
C VAL A 109 0.74 17.20 14.35
N ALA A 110 0.40 17.37 15.62
CA ALA A 110 0.28 18.68 16.21
C ALA A 110 1.63 19.38 16.13
N ASP A 111 2.70 18.70 16.56
CA ASP A 111 4.00 19.40 16.63
C ASP A 111 4.71 19.55 15.27
N TYR A 112 4.56 18.56 14.38
CA TYR A 112 5.38 18.47 13.16
C TYR A 112 4.58 18.59 11.88
N GLY A 113 3.26 18.65 12.01
CA GLY A 113 2.40 18.75 10.83
C GLY A 113 2.79 19.93 9.97
N TYR A 114 3.25 21.03 10.61
CA TYR A 114 3.62 22.24 9.85
C TYR A 114 4.71 21.98 8.80
N LEU A 115 5.40 20.85 8.95
CA LEU A 115 6.55 20.51 8.09
C LEU A 115 6.02 20.06 6.74
N LEU A 116 4.71 19.78 6.69
CA LEU A 116 4.00 19.47 5.47
C LEU A 116 3.74 20.70 4.60
N ASP A 117 3.65 21.88 5.21
CA ASP A 117 3.26 23.08 4.48
C ASP A 117 4.34 23.51 3.48
N ASP A 118 4.01 23.52 2.20
CA ASP A 118 5.07 23.57 1.18
C ASP A 118 4.91 24.80 0.29
N GLY A 119 4.11 25.76 0.72
CA GLY A 119 3.89 26.96 -0.07
C GLY A 119 2.84 26.69 -1.14
N THR A 120 2.09 25.61 -0.97
CA THR A 120 0.83 25.44 -1.72
C THR A 120 -0.44 25.55 -0.90
N GLY A 121 -0.36 26.34 0.18
CA GLY A 121 -1.42 26.43 1.17
C GLY A 121 -1.24 25.35 2.22
N ARG A 122 -2.20 25.29 3.16
CA ARG A 122 -2.24 24.23 4.16
C ARG A 122 -2.37 22.85 3.56
N VAL A 123 -1.52 21.96 4.07
CA VAL A 123 -1.41 20.64 3.56
C VAL A 123 -2.09 19.64 4.51
N GLU A 124 -3.10 18.92 4.02
CA GLU A 124 -3.76 17.91 4.85
C GLU A 124 -3.05 16.55 4.82
N VAL A 125 -3.46 15.66 5.73
CA VAL A 125 -2.68 14.43 5.94
C VAL A 125 -3.56 13.32 6.54
N GLY A 126 -3.28 12.07 6.20
CA GLY A 126 -3.88 10.93 6.90
C GLY A 126 -2.83 9.86 7.07
N ASN A 127 -2.92 9.15 8.19
CA ASN A 127 -2.03 8.02 8.47
C ASN A 127 -2.79 6.88 9.15
N VAL A 128 -2.36 5.64 8.91
CA VAL A 128 -2.95 4.52 9.65
C VAL A 128 -1.83 3.57 9.99
N LEU A 129 -1.73 3.18 11.25
CA LEU A 129 -0.71 2.24 11.70
C LEU A 129 -1.41 0.91 11.94
N MET A 130 -0.92 -0.15 11.32
CA MET A 130 -1.60 -1.44 11.32
C MET A 130 -0.69 -2.58 11.73
N ASP A 131 -1.21 -3.50 12.54
CA ASP A 131 -0.50 -4.73 12.95
C ASP A 131 -0.54 -5.76 11.85
N ASN A 132 0.63 -6.10 11.33
CA ASN A 132 0.69 -6.93 10.12
C ASN A 132 0.11 -8.31 10.30
N GLN A 133 0.18 -8.84 11.53
CA GLN A 133 -0.31 -10.19 11.76
CA GLN A 133 -0.29 -10.20 11.83
C GLN A 133 -1.80 -10.24 12.09
N THR A 134 -2.44 -9.09 12.36
CA THR A 134 -3.89 -9.12 12.65
C THR A 134 -4.83 -8.18 11.85
N GLY A 135 -4.27 -7.17 11.19
CA GLY A 135 -5.07 -6.12 10.56
C GLY A 135 -5.56 -5.10 11.60
N ALA A 136 -5.23 -5.28 12.89
CA ALA A 136 -5.70 -4.33 13.92
C ALA A 136 -5.12 -2.96 13.66
N ILE A 137 -5.92 -1.92 13.81
CA ILE A 137 -5.41 -0.56 13.63
C ILE A 137 -5.04 0.02 14.97
N LEU A 138 -3.75 0.31 15.15
CA LEU A 138 -3.26 0.62 16.47
C LEU A 138 -3.41 2.11 16.76
N GLY A 139 -3.35 2.91 15.71
CA GLY A 139 -3.51 4.36 15.84
C GLY A 139 -3.56 4.99 14.47
N PHE A 140 -3.93 6.26 14.40
CA PHE A 140 -4.07 6.91 13.12
C PHE A 140 -4.06 8.44 13.27
N VAL A 141 -3.92 9.10 12.13
CA VAL A 141 -3.97 10.55 12.06
C VAL A 141 -5.06 10.90 11.05
N GLY A 142 -6.14 11.51 11.52
CA GLY A 142 -7.23 11.95 10.65
C GLY A 142 -7.03 13.29 9.92
N GLY A 143 -6.10 14.11 10.38
CA GLY A 143 -5.87 15.38 9.70
C GLY A 143 -5.02 16.26 10.59
N ARG A 144 -4.77 17.50 10.14
CA ARG A 144 -3.82 18.42 10.78
C ARG A 144 -4.40 18.86 12.13
N ASN A 145 -5.72 18.99 12.20
CA ASN A 145 -6.36 19.53 13.41
C ASN A 145 -7.89 19.45 13.33
N TYR A 146 -8.50 18.45 13.98
CA TYR A 146 -9.98 18.22 13.95
C TYR A 146 -10.80 19.49 14.17
N GLN A 147 -10.34 20.30 15.12
CA GLN A 147 -11.04 21.56 15.49
C GLN A 147 -11.10 22.58 14.35
N GLU A 148 -10.25 22.41 13.34
CA GLU A 148 -10.19 23.38 12.27
C GLU A 148 -10.76 22.76 11.00
N ASN A 149 -10.65 21.45 10.88
CA ASN A 149 -11.16 20.73 9.69
C ASN A 149 -11.47 19.29 10.08
N GLN A 150 -12.73 18.89 10.01
CA GLN A 150 -13.14 17.62 10.57
C GLN A 150 -12.94 16.45 9.62
N ASN A 151 -12.66 16.70 8.34
CA ASN A 151 -12.70 15.63 7.36
C ASN A 151 -11.76 14.56 7.86
N ASN A 152 -12.17 13.31 7.80
CA ASN A 152 -11.29 12.23 8.20
C ASN A 152 -10.42 11.67 7.06
N HIS A 153 -9.14 12.04 7.05
CA HIS A 153 -8.24 11.65 5.95
C HIS A 153 -7.66 10.23 6.13
N ALA A 154 -7.93 9.58 7.26
CA ALA A 154 -7.42 8.23 7.43
C ALA A 154 -8.48 7.22 6.98
N PHE A 155 -9.74 7.55 7.21
CA PHE A 155 -10.82 6.57 7.08
C PHE A 155 -11.80 6.86 5.97
N ASP A 156 -12.03 8.15 5.67
CA ASP A 156 -13.15 8.57 4.81
C ASP A 156 -12.73 9.06 3.43
N THR A 157 -11.65 9.83 3.32
CA THR A 157 -11.36 10.42 2.01
C THR A 157 -10.69 9.42 1.07
N LYS A 158 -10.97 9.52 -0.23
CA LYS A 158 -10.44 8.51 -1.16
C LYS A 158 -9.72 9.21 -2.25
N ARG A 159 -8.49 8.78 -2.55
CA ARG A 159 -7.66 9.47 -3.52
C ARG A 159 -6.96 8.39 -4.30
N SER A 160 -6.57 8.69 -5.53
CA SER A 160 -5.65 7.79 -6.22
C SER A 160 -4.42 7.43 -5.37
N PRO A 161 -4.11 6.13 -5.25
CA PRO A 161 -2.84 5.72 -4.61
C PRO A 161 -1.57 5.79 -5.51
N ALA A 162 -1.73 6.21 -6.77
CA ALA A 162 -0.64 6.62 -7.61
C ALA A 162 0.29 5.44 -7.75
N SER A 163 1.60 5.68 -7.75
CA SER A 163 2.54 4.60 -7.98
C SER A 163 2.71 3.55 -6.88
N THR A 164 2.10 3.76 -5.70
CA THR A 164 2.12 2.65 -4.71
C THR A 164 1.17 1.52 -5.18
N THR A 165 0.47 1.75 -6.28
CA THR A 165 -0.31 0.67 -6.90
C THR A 165 0.58 -0.39 -7.50
N LYS A 166 1.78 0.01 -7.92
CA LYS A 166 2.59 -0.85 -8.77
C LYS A 166 3.03 -2.17 -8.12
N PRO A 167 3.48 -2.15 -6.87
CA PRO A 167 3.95 -3.43 -6.32
C PRO A 167 2.80 -4.43 -6.18
N LEU A 168 1.58 -3.95 -5.93
CA LEU A 168 0.40 -4.81 -5.72
C LEU A 168 -0.18 -5.34 -7.03
N LEU A 169 -0.50 -4.40 -7.93
CA LEU A 169 -1.31 -4.72 -9.08
C LEU A 169 -0.49 -5.13 -10.29
N ALA A 170 0.75 -4.62 -10.41
CA ALA A 170 1.55 -5.00 -11.60
C ALA A 170 2.60 -6.03 -11.28
N TYR A 171 3.67 -5.60 -10.62
CA TYR A 171 4.84 -6.42 -10.38
C TYR A 171 4.54 -7.60 -9.47
N GLY A 172 3.86 -7.37 -8.37
CA GLY A 172 3.58 -8.50 -7.49
C GLY A 172 2.77 -9.59 -8.16
N ILE A 173 1.76 -9.22 -8.96
CA ILE A 173 0.95 -10.27 -9.60
C ILE A 173 1.74 -10.99 -10.70
N ALA A 174 2.54 -10.23 -11.45
CA ALA A 174 3.40 -10.83 -12.49
C ALA A 174 4.34 -11.86 -11.83
N ILE A 175 4.94 -11.51 -10.69
CA ILE A 175 5.85 -12.43 -10.02
C ILE A 175 5.11 -13.68 -9.57
N ASP A 176 3.96 -13.47 -8.92
CA ASP A 176 3.12 -14.55 -8.37
C ASP A 176 2.70 -15.54 -9.45
N GLN A 177 2.51 -15.01 -10.67
CA GLN A 177 2.13 -15.82 -11.81
C GLN A 177 3.31 -16.44 -12.51
N GLY A 178 4.52 -16.12 -12.06
CA GLY A 178 5.70 -16.63 -12.73
C GLY A 178 5.92 -16.07 -14.12
N LEU A 179 5.52 -14.82 -14.32
CA LEU A 179 5.85 -14.05 -15.54
C LEU A 179 7.02 -13.11 -15.38
N MET A 180 7.67 -13.15 -14.23
CA MET A 180 8.64 -12.14 -13.90
C MET A 180 9.40 -12.60 -12.67
N GLY A 181 10.70 -12.29 -12.64
CA GLY A 181 11.54 -12.54 -11.49
C GLY A 181 12.18 -11.25 -11.04
N SER A 182 12.93 -11.30 -9.92
CA SER A 182 13.45 -10.11 -9.25
C SER A 182 14.41 -9.29 -10.13
N GLU A 183 15.13 -9.97 -11.03
CA GLU A 183 16.07 -9.29 -11.94
C GLU A 183 15.57 -9.26 -13.38
N THR A 184 14.26 -9.47 -13.58
CA THR A 184 13.70 -9.43 -14.94
C THR A 184 13.91 -8.02 -15.55
N ILE A 185 14.07 -7.94 -16.87
CA ILE A 185 14.26 -6.63 -17.55
C ILE A 185 12.94 -6.12 -18.15
N LEU A 186 12.71 -4.81 -18.04
CA LEU A 186 11.51 -4.18 -18.59
C LEU A 186 11.86 -3.03 -19.54
N SER A 187 10.96 -2.76 -20.49
CA SER A 187 11.15 -1.59 -21.33
C SER A 187 10.79 -0.31 -20.61
N ASN A 188 11.70 0.67 -20.63
CA ASN A 188 11.29 2.04 -20.35
C ASN A 188 11.50 2.98 -21.54
N TYR A 189 11.49 2.42 -22.75
CA TYR A 189 11.57 3.24 -23.95
C TYR A 189 10.28 4.04 -24.12
N PRO A 190 10.36 5.26 -24.66
CA PRO A 190 9.15 5.98 -25.07
C PRO A 190 8.04 5.06 -25.67
N THR A 191 6.81 5.25 -25.22
CA THR A 191 5.65 4.66 -25.90
C THR A 191 4.43 5.53 -25.61
N ASN A 192 3.41 5.45 -26.47
CA ASN A 192 2.17 6.23 -26.26
C ASN A 192 1.03 5.43 -25.68
N PHE A 193 0.15 6.10 -24.96
CA PHE A 193 -1.21 5.58 -24.69
C PHE A 193 -1.93 5.33 -26.01
N ALA A 194 -3.05 4.62 -25.94
CA ALA A 194 -3.76 4.23 -27.14
C ALA A 194 -4.27 5.48 -27.82
N ASN A 195 -4.46 6.55 -27.07
CA ASN A 195 -4.94 7.76 -27.69
C ASN A 195 -3.82 8.56 -28.38
N GLY A 196 -2.56 8.14 -28.27
CA GLY A 196 -1.48 8.84 -28.97
C GLY A 196 -0.64 9.75 -28.09
N ASN A 197 -1.06 9.96 -26.83
CA ASN A 197 -0.28 10.73 -25.90
C ASN A 197 0.88 9.90 -25.34
N PRO A 198 2.06 10.51 -25.30
CA PRO A 198 3.22 9.92 -24.64
C PRO A 198 2.97 9.57 -23.18
N ILE A 199 3.41 8.40 -22.74
CA ILE A 199 3.36 8.10 -21.32
C ILE A 199 4.49 8.86 -20.68
N MET A 200 4.17 9.70 -19.71
CA MET A 200 5.15 10.60 -19.14
C MET A 200 5.53 10.11 -17.76
N TYR A 201 6.76 10.36 -17.37
CA TYR A 201 7.05 10.16 -15.97
C TYR A 201 7.89 11.30 -15.54
N ALA A 202 7.43 11.97 -14.48
CA ALA A 202 7.87 13.29 -14.14
C ALA A 202 7.76 14.07 -15.45
N ASN A 203 8.91 14.40 -16.00
CA ASN A 203 8.83 15.10 -17.24
C ASN A 203 9.69 14.46 -18.31
N SER A 204 9.87 13.15 -18.22
CA SER A 204 10.67 12.43 -19.23
C SER A 204 9.74 11.54 -20.06
N LYS A 205 9.93 11.49 -21.37
CA LYS A 205 9.20 10.56 -22.23
C LYS A 205 9.78 9.14 -22.15
N GLY A 206 10.82 8.96 -21.33
CA GLY A 206 11.42 7.62 -21.11
C GLY A 206 12.91 7.46 -21.39
N THR A 207 13.46 6.28 -21.16
CA THR A 207 14.89 6.00 -21.41
C THR A 207 15.10 4.69 -22.19
N GLY A 208 15.54 3.64 -21.50
CA GLY A 208 15.88 2.37 -22.18
C GLY A 208 15.39 1.16 -21.39
N MET A 209 15.99 -0.01 -21.63
CA MET A 209 15.77 -1.18 -20.77
C MET A 209 16.24 -0.93 -19.34
N MET A 210 15.66 -1.65 -18.38
CA MET A 210 16.11 -1.53 -16.98
C MET A 210 15.57 -2.71 -16.19
N THR A 211 16.24 -3.04 -15.10
CA THR A 211 15.79 -4.10 -14.21
C THR A 211 14.51 -3.71 -13.45
N LEU A 212 13.82 -4.71 -12.93
CA LEU A 212 12.70 -4.41 -12.05
C LEU A 212 13.10 -3.51 -10.86
N GLY A 213 14.29 -3.68 -10.32
CA GLY A 213 14.71 -2.89 -9.14
C GLY A 213 14.84 -1.41 -9.49
N GLU A 214 15.37 -1.11 -10.66
CA GLU A 214 15.53 0.29 -11.08
C GLU A 214 14.18 0.93 -11.40
N ALA A 215 13.33 0.16 -12.09
CA ALA A 215 11.94 0.54 -12.29
C ALA A 215 11.23 0.89 -10.99
N LEU A 216 11.35 0.03 -9.97
CA LEU A 216 10.72 0.32 -8.68
C LEU A 216 11.36 1.49 -7.92
N ASN A 217 12.71 1.54 -7.91
CA ASN A 217 13.39 2.56 -7.11
C ASN A 217 13.04 3.93 -7.65
N TYR A 218 13.07 4.05 -8.98
CA TYR A 218 12.75 5.29 -9.66
C TYR A 218 11.24 5.51 -9.80
N SER A 219 10.45 4.45 -9.76
CA SER A 219 8.99 4.55 -10.01
C SER A 219 8.60 4.96 -11.42
N TRP A 220 9.37 4.55 -12.42
CA TRP A 220 9.04 4.87 -13.80
C TRP A 220 7.68 4.30 -14.14
N ASN A 221 7.00 4.89 -15.12
CA ASN A 221 5.66 4.53 -15.52
C ASN A 221 5.56 3.45 -16.58
N ILE A 222 6.40 3.56 -17.62
CA ILE A 222 6.34 2.68 -18.79
C ILE A 222 6.53 1.19 -18.42
N PRO A 223 7.46 0.83 -17.54
CA PRO A 223 7.61 -0.59 -17.21
C PRO A 223 6.32 -1.15 -16.58
N ALA A 224 5.59 -0.32 -15.86
CA ALA A 224 4.37 -0.77 -15.16
C ALA A 224 3.21 -0.97 -16.13
N TYR A 225 3.13 -0.05 -17.10
CA TYR A 225 2.20 -0.15 -18.19
C TYR A 225 2.40 -1.47 -18.92
N TRP A 226 3.64 -1.82 -19.22
CA TRP A 226 3.87 -3.01 -20.02
C TRP A 226 3.61 -4.25 -19.17
N THR A 227 3.95 -4.17 -17.89
CA THR A 227 3.68 -5.27 -17.00
C THR A 227 2.18 -5.56 -16.97
N TYR A 228 1.36 -4.52 -16.86
CA TYR A 228 -0.08 -4.72 -16.77
C TYR A 228 -0.62 -5.25 -18.11
N ARG A 229 -0.07 -4.77 -19.22
CA ARG A 229 -0.47 -5.30 -20.53
CA ARG A 229 -0.46 -5.29 -20.53
C ARG A 229 -0.14 -6.77 -20.64
N MET A 230 0.95 -7.19 -20.00
CA MET A 230 1.35 -8.58 -20.07
C MET A 230 0.39 -9.45 -19.26
N LEU A 231 -0.05 -8.92 -18.12
CA LEU A 231 -1.13 -9.53 -17.32
C LEU A 231 -2.42 -9.71 -18.14
N ARG A 232 -2.80 -8.67 -18.91
CA ARG A 232 -4.03 -8.69 -19.68
C ARG A 232 -3.91 -9.75 -20.76
N GLU A 233 -2.75 -9.79 -21.43
CA GLU A 233 -2.53 -10.70 -22.54
C GLU A 233 -2.55 -12.13 -22.07
N ASN A 234 -2.10 -12.39 -20.85
CA ASN A 234 -2.11 -13.75 -20.30
C ASN A 234 -3.44 -14.10 -19.62
N GLY A 235 -4.43 -13.22 -19.73
CA GLY A 235 -5.73 -13.46 -19.10
C GLY A 235 -5.71 -13.54 -17.58
N VAL A 236 -4.80 -12.84 -16.90
CA VAL A 236 -4.67 -13.00 -15.44
C VAL A 236 -5.87 -12.42 -14.71
N ASP A 237 -6.36 -13.12 -13.68
CA ASP A 237 -7.48 -12.63 -12.87
C ASP A 237 -6.98 -11.64 -11.82
N VAL A 238 -6.69 -10.42 -12.27
CA VAL A 238 -6.06 -9.41 -11.44
C VAL A 238 -7.09 -8.96 -10.44
N LYS A 239 -8.35 -8.87 -10.88
CA LYS A 239 -9.44 -8.47 -9.99
C LYS A 239 -9.57 -9.37 -8.75
N GLY A 240 -9.40 -10.69 -8.95
CA GLY A 240 -9.42 -11.68 -7.84
C GLY A 240 -8.38 -11.36 -6.76
N TYR A 241 -7.16 -11.05 -7.20
CA TYR A 241 -6.14 -10.56 -6.26
C TYR A 241 -6.62 -9.34 -5.50
N MET A 242 -7.02 -8.32 -6.25
CA MET A 242 -7.33 -7.08 -5.57
C MET A 242 -8.53 -7.22 -4.59
N GLU A 243 -9.55 -7.97 -5.01
CA GLU A 243 -10.79 -8.09 -4.23
C GLU A 243 -10.55 -8.98 -3.03
N LYS A 244 -9.60 -9.91 -3.13
CA LYS A 244 -9.15 -10.56 -1.91
C LYS A 244 -8.54 -9.64 -0.88
N MET A 245 -8.04 -8.47 -1.30
CA MET A 245 -7.54 -7.46 -0.32
C MET A 245 -8.56 -6.39 0.03
N GLY A 246 -9.76 -6.54 -0.52
CA GLY A 246 -10.84 -5.63 -0.20
C GLY A 246 -10.83 -4.34 -1.01
N TYR A 247 -10.09 -4.32 -2.13
CA TYR A 247 -10.09 -3.13 -2.96
C TYR A 247 -11.33 -3.19 -3.85
N GLU A 248 -11.94 -2.03 -4.10
CA GLU A 248 -13.00 -1.96 -5.08
C GLU A 248 -12.59 -1.09 -6.22
N ILE A 249 -12.42 -1.71 -7.37
CA ILE A 249 -12.03 -1.00 -8.59
C ILE A 249 -13.12 -1.27 -9.63
N PRO A 250 -13.77 -0.20 -10.12
CA PRO A 250 -14.94 -0.38 -10.98
C PRO A 250 -14.56 -0.95 -12.35
N GLU A 251 -13.36 -0.65 -12.84
CA GLU A 251 -13.02 -0.89 -14.23
C GLU A 251 -11.55 -1.26 -14.34
N TYR A 252 -11.29 -2.51 -14.74
CA TYR A 252 -9.91 -3.00 -14.86
C TYR A 252 -9.29 -2.71 -16.23
N GLY A 253 -10.12 -2.28 -17.17
CA GLY A 253 -9.66 -2.09 -18.54
C GLY A 253 -9.22 -0.65 -18.72
N ILE A 254 -8.13 -0.30 -18.05
CA ILE A 254 -7.61 1.05 -18.03
C ILE A 254 -6.10 0.98 -18.14
N GLU A 255 -5.55 1.71 -19.09
CA GLU A 255 -4.14 1.52 -19.42
C GLU A 255 -3.26 1.93 -18.28
N SER A 256 -3.72 2.92 -17.54
CA SER A 256 -2.98 3.45 -16.41
C SER A 256 -3.37 2.86 -15.05
N LEU A 257 -4.18 1.80 -15.03
CA LEU A 257 -4.50 1.17 -13.77
C LEU A 257 -3.27 0.99 -12.85
N PRO A 258 -2.18 0.43 -13.36
CA PRO A 258 -1.07 0.05 -12.51
C PRO A 258 -0.31 1.20 -11.93
N MET A 259 -0.56 2.39 -12.47
CA MET A 259 0.05 3.60 -11.97
C MET A 259 -0.87 4.33 -11.03
N GLY A 260 -2.13 3.90 -10.89
CA GLY A 260 -3.04 4.53 -9.94
C GLY A 260 -4.26 5.09 -10.61
N GLY A 261 -4.32 4.99 -11.93
CA GLY A 261 -5.46 5.51 -12.68
C GLY A 261 -6.68 4.64 -12.48
N GLY A 262 -7.83 5.26 -12.20
CA GLY A 262 -9.07 4.54 -12.09
C GLY A 262 -9.20 3.84 -10.74
N ILE A 263 -8.32 4.21 -9.83
CA ILE A 263 -8.40 3.68 -8.49
C ILE A 263 -8.47 4.84 -7.50
N GLU A 264 -9.23 4.64 -6.42
CA GLU A 264 -9.38 5.64 -5.39
C GLU A 264 -9.54 4.92 -4.05
N VAL A 265 -8.68 5.20 -3.06
CA VAL A 265 -8.71 4.42 -1.85
C VAL A 265 -8.57 5.30 -0.64
N THR A 266 -9.07 4.82 0.49
CA THR A 266 -8.75 5.40 1.79
C THR A 266 -7.38 4.97 2.22
N VAL A 267 -6.78 5.73 3.13
CA VAL A 267 -5.52 5.32 3.74
C VAL A 267 -5.68 3.98 4.50
N ALA A 268 -6.79 3.81 5.24
CA ALA A 268 -6.98 2.56 6.00
C ALA A 268 -6.98 1.35 5.06
N GLN A 269 -7.66 1.46 3.92
CA GLN A 269 -7.75 0.32 2.98
C GLN A 269 -6.41 0.04 2.33
N HIS A 270 -5.74 1.11 1.90
CA HIS A 270 -4.42 0.96 1.28
C HIS A 270 -3.32 0.44 2.19
N THR A 271 -3.35 0.83 3.46
CA THR A 271 -2.45 0.21 4.42
C THR A 271 -2.63 -1.34 4.40
N ASN A 272 -3.86 -1.78 4.24
CA ASN A 272 -4.18 -3.20 4.31
C ASN A 272 -3.56 -3.95 3.12
N GLY A 273 -3.40 -3.28 1.98
CA GLY A 273 -2.71 -3.94 0.82
C GLY A 273 -1.25 -4.13 1.19
N TYR A 274 -0.63 -3.06 1.74
CA TYR A 274 0.76 -3.21 2.17
C TYR A 274 0.96 -4.16 3.35
N GLN A 275 -0.01 -4.21 4.27
CA GLN A 275 -0.05 -5.27 5.28
C GLN A 275 0.05 -6.66 4.65
N THR A 276 -0.66 -6.85 3.52
CA THR A 276 -0.68 -8.16 2.87
C THR A 276 0.73 -8.53 2.34
N LEU A 277 1.41 -7.57 1.71
CA LEU A 277 2.75 -7.84 1.25
C LEU A 277 3.70 -8.10 2.44
N ALA A 278 3.58 -7.26 3.47
CA ALA A 278 4.48 -7.34 4.64
C ALA A 278 4.26 -8.65 5.39
N ASN A 279 3.01 -9.15 5.37
CA ASN A 279 2.69 -10.36 6.14
C ASN A 279 2.97 -11.64 5.35
N ASN A 280 4.04 -11.63 4.54
CA ASN A 280 4.36 -12.72 3.66
C ASN A 280 3.18 -13.23 2.83
N GLY A 281 2.32 -12.30 2.44
CA GLY A 281 1.33 -12.54 1.37
C GLY A 281 -0.05 -12.79 1.96
N VAL A 282 -0.11 -12.87 3.30
CA VAL A 282 -1.38 -13.26 3.95
C VAL A 282 -2.14 -12.00 4.42
N TYR A 283 -3.29 -11.76 3.80
CA TYR A 283 -4.24 -10.69 4.17
C TYR A 283 -5.00 -10.97 5.49
N HIS A 284 -5.04 -9.98 6.39
CA HIS A 284 -6.01 -9.94 7.46
C HIS A 284 -6.79 -8.65 7.29
N GLN A 285 -8.09 -8.75 7.40
CA GLN A 285 -8.95 -7.60 7.23
C GLN A 285 -8.77 -6.50 8.28
N LYS A 286 -8.41 -5.29 7.82
CA LYS A 286 -8.28 -4.10 8.69
C LYS A 286 -9.50 -4.05 9.63
N HIS A 287 -9.32 -3.60 10.88
CA HIS A 287 -10.48 -3.29 11.74
C HIS A 287 -10.01 -2.36 12.88
N VAL A 288 -10.99 -1.63 13.41
CA VAL A 288 -10.77 -0.74 14.52
C VAL A 288 -11.62 -1.10 15.73
N ILE A 289 -12.71 -1.86 15.49
CA ILE A 289 -13.53 -2.43 16.58
C ILE A 289 -13.23 -3.94 16.65
N SER A 290 -12.95 -4.43 17.84
CA SER A 290 -12.59 -5.83 17.95
C SER A 290 -13.78 -6.60 18.56
N LYS A 291 -14.62 -5.89 19.32
CA LYS A 291 -15.74 -6.50 20.06
C LYS A 291 -16.67 -5.43 20.63
N ILE A 292 -17.97 -5.73 20.60
CA ILE A 292 -18.96 -4.97 21.36
C ILE A 292 -19.78 -5.92 22.27
N GLU A 293 -19.82 -5.63 23.57
CA GLU A 293 -20.68 -6.38 24.52
C GLU A 293 -21.71 -5.50 25.20
N ALA A 294 -22.90 -6.06 25.44
CA ALA A 294 -23.88 -5.46 26.31
C ALA A 294 -23.27 -5.43 27.65
N ALA A 295 -23.89 -4.65 28.53
CA ALA A 295 -23.50 -4.59 29.93
C ALA A 295 -23.47 -5.97 30.61
N ASP A 296 -24.47 -6.83 30.32
CA ASP A 296 -24.50 -8.21 30.87
C ASP A 296 -23.51 -9.21 30.23
N GLY A 297 -22.68 -8.75 29.31
CA GLY A 297 -21.71 -9.63 28.69
C GLY A 297 -22.18 -10.28 27.39
N ARG A 298 -23.44 -10.10 27.00
CA ARG A 298 -23.89 -10.64 25.69
C ARG A 298 -22.99 -10.03 24.61
N VAL A 299 -22.53 -10.86 23.68
CA VAL A 299 -21.68 -10.39 22.57
C VAL A 299 -22.48 -9.91 21.37
N VAL A 300 -22.58 -8.61 21.18
CA VAL A 300 -23.36 -8.12 20.07
C VAL A 300 -22.57 -8.13 18.77
N TYR A 301 -21.24 -8.01 18.87
CA TYR A 301 -20.35 -8.08 17.71
C TYR A 301 -18.97 -8.54 18.12
N GLU A 302 -18.35 -9.33 17.27
CA GLU A 302 -16.96 -9.72 17.48
C GLU A 302 -16.21 -9.95 16.16
N TYR A 303 -15.06 -9.30 16.02
CA TYR A 303 -14.23 -9.49 14.82
C TYR A 303 -13.85 -10.96 14.63
N GLN A 304 -14.05 -11.48 13.42
CA GLN A 304 -13.70 -12.85 13.05
C GLN A 304 -12.55 -12.80 12.04
N ASP A 305 -11.38 -13.30 12.43
CA ASP A 305 -10.24 -13.31 11.52
C ASP A 305 -10.53 -14.20 10.33
N LYS A 306 -10.30 -13.73 9.11
CA LYS A 306 -10.37 -14.60 7.94
C LYS A 306 -9.11 -14.49 7.07
N PRO A 307 -7.99 -15.11 7.49
CA PRO A 307 -6.71 -14.91 6.77
C PRO A 307 -6.82 -15.44 5.33
N VAL A 308 -6.27 -14.74 4.34
CA VAL A 308 -6.24 -15.24 2.93
C VAL A 308 -4.81 -15.14 2.35
N GLN A 309 -4.32 -16.24 1.76
CA GLN A 309 -2.99 -16.22 1.11
C GLN A 309 -3.17 -15.56 -0.26
N VAL A 310 -2.88 -14.28 -0.35
CA VAL A 310 -3.19 -13.50 -1.58
C VAL A 310 -2.06 -13.62 -2.61
N TYR A 311 -0.83 -13.46 -2.13
CA TYR A 311 0.37 -13.81 -2.90
C TYR A 311 1.00 -15.01 -2.23
N SER A 312 1.68 -15.84 -3.02
CA SER A 312 2.48 -16.93 -2.49
C SER A 312 3.52 -16.31 -1.57
N LYS A 313 3.97 -17.07 -0.57
CA LYS A 313 5.04 -16.63 0.32
C LYS A 313 6.31 -16.23 -0.45
N ALA A 314 6.61 -16.96 -1.52
CA ALA A 314 7.73 -16.61 -2.41
C ALA A 314 7.57 -15.19 -2.99
N THR A 315 6.38 -14.91 -3.50
CA THR A 315 6.18 -13.61 -4.15
C THR A 315 6.35 -12.48 -3.16
N ALA A 316 5.61 -12.57 -2.06
CA ALA A 316 5.64 -11.54 -1.04
C ALA A 316 7.06 -11.30 -0.55
N THR A 317 7.83 -12.38 -0.28
CA THR A 317 9.17 -12.17 0.24
C THR A 317 10.15 -11.63 -0.81
N ILE A 318 9.96 -11.99 -2.07
CA ILE A 318 10.74 -11.33 -3.13
C ILE A 318 10.43 -9.81 -3.23
N MET A 319 9.15 -9.44 -3.17
CA MET A 319 8.74 -8.03 -3.19
C MET A 319 9.31 -7.25 -2.00
N GLN A 320 9.29 -7.87 -0.80
CA GLN A 320 9.88 -7.24 0.40
C GLN A 320 11.31 -6.81 0.09
N GLY A 321 12.06 -7.69 -0.58
CA GLY A 321 13.47 -7.44 -0.89
C GLY A 321 13.59 -6.22 -1.80
N LEU A 322 12.68 -6.14 -2.77
CA LEU A 322 12.72 -5.03 -3.71
C LEU A 322 12.35 -3.70 -3.02
N LEU A 323 11.36 -3.76 -2.14
CA LEU A 323 10.83 -2.56 -1.49
C LEU A 323 11.78 -2.06 -0.41
N ARG A 324 12.60 -2.96 0.16
CA ARG A 324 13.70 -2.55 1.02
C ARG A 324 14.58 -1.55 0.25
N GLU A 325 14.90 -1.89 -1.01
CA GLU A 325 15.85 -1.08 -1.77
C GLU A 325 15.21 0.20 -2.36
N VAL A 326 13.90 0.20 -2.54
CA VAL A 326 13.18 1.48 -2.84
C VAL A 326 13.50 2.55 -1.81
N LEU A 327 13.52 2.19 -0.53
CA LEU A 327 13.84 3.17 0.53
C LEU A 327 15.35 3.41 0.68
N SER A 328 16.15 2.35 0.65
CA SER A 328 17.59 2.46 0.77
CA SER A 328 17.57 2.48 0.82
C SER A 328 18.19 3.27 -0.35
N SER A 329 17.67 3.13 -1.56
CA SER A 329 18.25 3.87 -2.72
C SER A 329 18.04 5.38 -2.52
N ARG A 330 16.99 5.77 -1.79
CA ARG A 330 16.63 7.19 -1.58
C ARG A 330 16.29 8.00 -2.82
N VAL A 331 15.91 7.32 -3.90
CA VAL A 331 15.61 8.04 -5.15
C VAL A 331 14.31 8.85 -5.11
N THR A 332 13.24 8.33 -4.49
CA THR A 332 11.94 9.05 -4.51
C THR A 332 11.50 9.41 -3.12
N THR A 333 12.36 9.15 -2.12
CA THR A 333 12.06 9.51 -0.75
C THR A 333 13.36 9.69 0.05
N THR A 334 13.43 10.76 0.85
CA THR A 334 14.57 10.94 1.74
C THR A 334 14.37 10.20 3.04
N PHE A 335 13.26 9.48 3.18
CA PHE A 335 12.89 8.95 4.51
C PHE A 335 14.02 8.30 5.34
N LYS A 336 14.75 7.40 4.72
CA LYS A 336 15.76 6.69 5.49
C LYS A 336 16.81 7.63 6.07
N SER A 337 17.17 8.67 5.31
CA SER A 337 18.11 9.70 5.85
C SER A 337 17.42 10.41 7.00
N ASN A 338 16.17 10.83 6.79
CA ASN A 338 15.43 11.59 7.83
C ASN A 338 15.42 10.78 9.14
N LEU A 339 15.05 9.51 9.04
CA LEU A 339 14.94 8.61 10.19
C LEU A 339 16.29 8.28 10.82
N THR A 340 17.28 8.00 9.96
CA THR A 340 18.61 7.74 10.49
C THR A 340 19.01 8.86 11.47
N SER A 341 18.73 10.11 11.11
CA SER A 341 19.16 11.21 11.99
C SER A 341 18.32 11.26 13.25
N LEU A 342 17.02 11.00 13.13
CA LEU A 342 16.15 11.17 14.32
C LEU A 342 16.38 10.03 15.31
N ASN A 343 16.70 8.84 14.81
CA ASN A 343 16.67 7.61 15.66
C ASN A 343 17.36 6.45 14.92
N PRO A 344 18.68 6.47 14.97
CA PRO A 344 19.48 5.68 14.08
C PRO A 344 19.23 4.21 14.42
N THR A 345 19.03 3.88 15.70
CA THR A 345 18.69 2.48 16.02
C THR A 345 17.35 2.02 15.41
N LEU A 346 16.33 2.87 15.42
CA LEU A 346 15.07 2.54 14.69
C LEU A 346 15.29 2.49 13.15
N ALA A 347 16.20 3.31 12.59
CA ALA A 347 16.46 3.26 11.12
C ALA A 347 17.12 1.93 10.71
N ASN A 348 17.77 1.26 11.66
CA ASN A 348 18.33 -0.07 11.41
C ASN A 348 17.37 -1.26 11.50
N ALA A 349 16.13 -0.98 11.87
CA ALA A 349 15.07 -1.98 11.72
C ALA A 349 14.84 -2.22 10.23
N ASP A 350 14.17 -3.33 9.89
CA ASP A 350 14.13 -3.72 8.48
C ASP A 350 12.96 -3.03 7.74
N TRP A 351 13.13 -1.74 7.46
CA TRP A 351 12.13 -0.93 6.72
C TRP A 351 12.02 -1.31 5.23
N ILE A 352 10.79 -1.50 4.71
CA ILE A 352 10.53 -1.53 3.25
C ILE A 352 9.39 -0.54 2.95
N GLY A 353 9.21 -0.13 1.70
CA GLY A 353 8.18 0.90 1.42
C GLY A 353 8.14 1.33 -0.03
N LYS A 354 7.13 2.14 -0.40
CA LYS A 354 6.98 2.62 -1.75
C LYS A 354 6.35 4.01 -1.64
N THR A 355 6.75 4.93 -2.51
CA THR A 355 6.12 6.23 -2.59
C THR A 355 5.09 6.27 -3.69
N GLY A 356 4.21 7.28 -3.65
CA GLY A 356 3.39 7.59 -4.84
C GLY A 356 3.19 9.07 -5.05
N THR A 357 3.06 9.48 -6.31
CA THR A 357 2.86 10.89 -6.63
C THR A 357 1.84 10.89 -7.77
N THR A 358 0.74 11.64 -7.65
CA THR A 358 -0.16 11.72 -8.79
C THR A 358 0.33 12.70 -9.84
N GLY A 359 -0.38 12.75 -10.96
CA GLY A 359 0.13 13.46 -12.17
C GLY A 359 0.43 14.93 -12.03
N GLN A 360 -0.39 15.66 -11.29
CA GLN A 360 -0.07 17.08 -11.07
C GLN A 360 0.38 17.34 -9.65
N ASP A 361 0.98 16.34 -9.02
CA ASP A 361 1.46 16.45 -7.66
C ASP A 361 0.31 16.77 -6.70
N GLU A 362 -0.86 16.19 -6.96
CA GLU A 362 -2.02 16.43 -6.10
C GLU A 362 -2.07 15.55 -4.87
N ASN A 363 -1.54 14.34 -4.96
CA ASN A 363 -1.53 13.43 -3.84
C ASN A 363 -0.16 12.81 -3.73
N MET A 364 0.39 12.74 -2.51
CA MET A 364 1.63 12.02 -2.27
C MET A 364 1.35 10.93 -1.27
N TRP A 365 1.98 9.78 -1.47
CA TRP A 365 1.88 8.65 -0.53
C TRP A 365 3.28 8.19 -0.13
N LEU A 366 3.35 7.69 1.07
CA LEU A 366 4.41 6.84 1.44
C LEU A 366 3.83 5.70 2.30
N MET A 367 4.08 4.46 1.87
CA MET A 367 3.73 3.25 2.63
C MET A 367 4.97 2.61 3.21
N LEU A 368 4.98 2.32 4.53
CA LEU A 368 6.18 1.80 5.22
C LEU A 368 5.84 0.54 5.96
N SER A 369 6.72 -0.46 5.94
CA SER A 369 6.52 -1.64 6.78
C SER A 369 7.80 -2.09 7.43
N THR A 370 7.69 -2.58 8.66
CA THR A 370 8.63 -3.58 9.20
C THR A 370 7.90 -4.95 9.24
N PRO A 371 8.59 -6.05 9.56
CA PRO A 371 7.83 -7.30 9.65
C PRO A 371 6.58 -7.16 10.56
N ARG A 372 6.66 -6.33 11.61
CA ARG A 372 5.52 -6.26 12.55
C ARG A 372 4.38 -5.34 12.16
N LEU A 373 4.70 -4.13 11.74
CA LEU A 373 3.70 -3.08 11.48
C LEU A 373 3.73 -2.56 10.06
N THR A 374 2.60 -2.04 9.60
CA THR A 374 2.60 -1.24 8.38
C THR A 374 2.04 0.14 8.72
N LEU A 375 2.65 1.19 8.16
CA LEU A 375 2.21 2.56 8.42
C LEU A 375 1.90 3.17 7.06
N GLY A 376 0.65 3.51 6.81
CA GLY A 376 0.32 4.16 5.53
C GLY A 376 0.30 5.67 5.70
N GLY A 377 0.65 6.42 4.66
CA GLY A 377 0.61 7.88 4.75
C GLY A 377 0.21 8.51 3.42
N TRP A 378 -0.72 9.44 3.52
CA TRP A 378 -1.10 10.29 2.37
C TRP A 378 -1.01 11.74 2.79
N ILE A 379 -0.69 12.62 1.84
CA ILE A 379 -0.91 14.06 2.01
C ILE A 379 -1.44 14.61 0.73
N GLY A 380 -2.15 15.73 0.84
CA GLY A 380 -2.74 16.40 -0.31
C GLY A 380 -3.64 17.52 0.16
N HIS A 381 -4.43 18.10 -0.77
CA HIS A 381 -5.32 19.14 -0.42
C HIS A 381 -6.75 18.62 -0.53
N ASP A 382 -7.61 19.16 0.32
CA ASP A 382 -9.00 18.79 0.36
C ASP A 382 -9.68 19.12 -0.97
N ASP A 383 -9.36 20.26 -1.59
CA ASP A 383 -9.90 20.51 -2.93
C ASP A 383 -9.10 19.92 -4.14
N ASN A 384 -8.14 19.03 -3.88
CA ASN A 384 -7.36 18.43 -4.97
C ASN A 384 -6.41 19.34 -5.78
N HIS A 385 -6.14 20.55 -5.35
CA HIS A 385 -5.08 21.32 -6.02
C HIS A 385 -3.64 20.77 -5.79
N SER A 386 -2.71 21.09 -6.68
CA SER A 386 -1.36 20.52 -6.67
C SER A 386 -0.56 20.86 -5.38
N LEU A 387 0.25 19.91 -4.91
CA LEU A 387 1.37 20.20 -3.96
C LEU A 387 2.64 20.63 -4.72
N SER A 388 3.70 21.01 -3.98
CA SER A 388 5.00 21.34 -4.62
C SER A 388 5.67 20.07 -5.16
N GLN A 389 6.69 20.23 -6.00
CA GLN A 389 7.26 19.10 -6.74
C GLN A 389 7.85 18.13 -5.74
N GLN A 390 8.30 18.66 -4.62
CA GLN A 390 9.01 17.86 -3.64
C GLN A 390 8.20 17.46 -2.40
N ALA A 391 6.89 17.65 -2.39
CA ALA A 391 6.10 17.46 -1.15
C ALA A 391 6.23 16.04 -0.66
N GLY A 392 6.27 15.09 -1.60
CA GLY A 392 6.30 13.67 -1.16
C GLY A 392 7.74 13.19 -0.89
N TYR A 393 8.67 13.59 -1.76
CA TYR A 393 10.11 13.19 -1.67
C TYR A 393 10.70 13.58 -0.34
N SER A 394 10.42 14.82 0.06
CA SER A 394 11.06 15.43 1.21
C SER A 394 10.09 15.69 2.39
N ASN A 395 9.05 16.50 2.19
CA ASN A 395 8.16 16.90 3.33
C ASN A 395 7.50 15.75 4.00
N ASN A 396 6.79 14.92 3.23
CA ASN A 396 6.03 13.82 3.81
C ASN A 396 6.99 12.76 4.36
N SER A 397 8.13 12.61 3.71
CA SER A 397 9.15 11.69 4.19
C SER A 397 9.66 12.11 5.58
N ASN A 398 9.98 13.41 5.71
CA ASN A 398 10.53 13.93 7.00
C ASN A 398 9.42 13.86 8.06
N TYR A 399 8.18 14.25 7.71
CA TYR A 399 7.06 14.15 8.63
C TYR A 399 6.85 12.71 9.09
N MET A 400 6.80 11.76 8.15
CA MET A 400 6.59 10.36 8.56
C MET A 400 7.75 9.78 9.39
N ALA A 401 8.96 10.26 9.15
CA ALA A 401 10.08 9.94 10.01
C ALA A 401 9.83 10.40 11.44
N HIS A 402 9.42 11.65 11.63
CA HIS A 402 9.02 12.08 12.98
C HIS A 402 7.88 11.22 13.52
N LEU A 403 6.94 10.84 12.65
CA LEU A 403 5.75 10.10 13.11
C LEU A 403 6.16 8.70 13.63
N VAL A 404 7.03 8.03 12.89
CA VAL A 404 7.56 6.68 13.25
C VAL A 404 8.40 6.73 14.53
N ASN A 405 9.18 7.79 14.69
CA ASN A 405 9.97 8.01 15.90
C ASN A 405 9.07 8.19 17.12
N ALA A 406 8.02 9.01 16.95
CA ALA A 406 7.04 9.27 18.00
C ALA A 406 6.34 7.96 18.48
N ILE A 407 5.98 7.12 17.53
CA ILE A 407 5.37 5.80 17.78
C ILE A 407 6.34 4.90 18.54
N GLN A 408 7.58 4.85 18.07
CA GLN A 408 8.60 4.06 18.72
C GLN A 408 8.85 4.55 20.15
N GLN A 409 8.99 5.86 20.34
CA GLN A 409 9.28 6.37 21.70
C GLN A 409 8.14 6.03 22.66
N ALA A 410 6.91 6.09 22.15
CA ALA A 410 5.73 5.80 22.98
C ALA A 410 5.61 4.31 23.29
N SER A 411 6.14 3.45 22.41
CA SER A 411 6.03 2.01 22.60
C SER A 411 7.27 1.33 21.98
N PRO A 412 8.33 1.21 22.77
CA PRO A 412 9.65 0.97 22.23
C PRO A 412 9.83 -0.32 21.42
N SER A 413 9.10 -1.38 21.75
CA SER A 413 9.26 -2.61 20.96
C SER A 413 8.32 -2.80 19.76
N ILE A 414 7.44 -1.84 19.50
CA ILE A 414 6.27 -2.11 18.65
C ILE A 414 6.67 -2.38 17.19
N TRP A 415 7.73 -1.72 16.72
CA TRP A 415 8.18 -1.89 15.30
C TRP A 415 8.94 -3.19 15.11
N GLY A 416 9.63 -3.65 16.16
CA GLY A 416 10.31 -4.96 16.15
C GLY A 416 11.67 -4.88 15.45
N ASN A 417 12.46 -5.92 15.65
CA ASN A 417 13.83 -5.95 15.16
C ASN A 417 13.98 -7.15 14.21
N GLU A 418 12.87 -7.79 13.84
CA GLU A 418 12.88 -8.96 12.90
C GLU A 418 13.29 -8.48 11.51
N ARG A 419 13.91 -9.36 10.72
CA ARG A 419 14.28 -9.01 9.34
C ARG A 419 13.26 -9.68 8.43
N PHE A 420 12.87 -9.05 7.35
CA PHE A 420 12.20 -9.76 6.26
C PHE A 420 13.18 -10.75 5.63
N ALA A 421 12.72 -11.89 5.14
CA ALA A 421 13.63 -12.88 4.59
C ALA A 421 12.97 -13.65 3.46
N LEU A 422 13.72 -13.94 2.41
CA LEU A 422 13.27 -14.84 1.36
C LEU A 422 12.66 -16.16 1.91
N ASP A 423 11.44 -16.50 1.53
CA ASP A 423 10.89 -17.83 1.84
C ASP A 423 11.64 -19.01 1.18
N PRO A 424 11.81 -20.15 1.88
CA PRO A 424 12.55 -21.26 1.30
C PRO A 424 12.00 -21.69 -0.06
N SER A 425 10.73 -21.36 -0.34
CA SER A 425 10.13 -21.79 -1.60
C SER A 425 10.57 -20.92 -2.79
N VAL A 426 11.28 -19.81 -2.54
CA VAL A 426 11.79 -18.98 -3.63
C VAL A 426 12.78 -19.75 -4.49
N VAL A 427 12.66 -19.63 -5.81
CA VAL A 427 13.62 -20.24 -6.77
C VAL A 427 14.63 -19.18 -7.18
N LYS A 428 15.91 -19.53 -7.19
CA LYS A 428 16.99 -18.61 -7.56
C LYS A 428 17.65 -19.05 -8.87
N SER A 429 17.59 -18.22 -9.91
CA SER A 429 18.31 -18.58 -11.15
C SER A 429 19.47 -17.65 -11.45
N GLU A 430 20.54 -18.19 -12.02
CA GLU A 430 21.62 -17.38 -12.56
C GLU A 430 21.18 -16.84 -13.90
N VAL A 431 21.08 -15.51 -14.01
CA VAL A 431 20.73 -14.86 -15.28
C VAL A 431 21.71 -13.80 -15.74
N LEU A 432 21.74 -13.54 -17.05
CA LEU A 432 22.46 -12.41 -17.64
C LEU A 432 21.92 -11.10 -17.05
N LYS A 433 22.84 -10.27 -16.56
CA LYS A 433 22.52 -8.94 -16.11
C LYS A 433 21.78 -8.18 -17.21
N SER A 434 22.28 -8.29 -18.45
CA SER A 434 21.68 -7.60 -19.59
C SER A 434 20.31 -8.13 -20.03
N THR A 435 20.11 -9.45 -20.05
CA THR A 435 18.77 -9.91 -20.46
C THR A 435 17.78 -10.28 -19.36
N GLY A 436 18.26 -10.47 -18.13
CA GLY A 436 17.38 -10.90 -17.01
C GLY A 436 16.97 -12.33 -17.25
N GLN A 437 17.64 -12.97 -18.21
CA GLN A 437 17.34 -14.36 -18.54
C GLN A 437 18.62 -15.21 -18.66
N LYS A 438 18.44 -16.54 -18.61
CA LYS A 438 19.60 -17.43 -18.60
C LYS A 438 20.33 -17.30 -19.94
N PRO A 439 21.67 -17.34 -19.87
CA PRO A 439 22.49 -17.38 -21.10
C PRO A 439 22.08 -18.56 -21.97
N GLY A 440 22.37 -18.38 -23.33
CA GLY A 440 21.95 -19.34 -24.34
C GLY A 440 22.01 -18.68 -25.72
N LYS A 441 21.87 -19.48 -26.78
CA LYS A 441 21.77 -18.90 -28.14
C LYS A 441 20.46 -18.09 -28.31
N VAL A 442 20.64 -16.94 -29.04
CA VAL A 442 19.49 -16.14 -29.48
C VAL A 442 19.64 -15.78 -30.98
N SER A 443 18.53 -15.43 -31.62
CA SER A 443 18.48 -14.94 -33.01
C SER A 443 18.50 -13.41 -33.12
N VAL A 444 19.50 -12.84 -33.82
CA VAL A 444 19.49 -11.40 -34.14
C VAL A 444 19.67 -11.14 -35.64
N GLU A 445 18.53 -11.05 -36.34
CA GLU A 445 18.43 -11.23 -37.78
C GLU A 445 19.69 -11.87 -38.33
N GLY A 446 19.51 -13.04 -38.95
CA GLY A 446 20.63 -13.79 -39.51
C GLY A 446 21.46 -14.46 -38.42
N LYS A 447 22.63 -13.90 -38.16
CA LYS A 447 23.49 -14.35 -37.06
C LYS A 447 22.69 -14.93 -35.87
N GLU A 448 22.86 -16.24 -35.63
CA GLU A 448 22.55 -16.85 -34.32
C GLU A 448 23.78 -16.73 -33.41
N VAL A 449 23.57 -16.17 -32.22
CA VAL A 449 24.65 -15.59 -31.41
C VAL A 449 24.75 -16.32 -30.07
N GLU A 450 25.98 -16.50 -29.57
CA GLU A 450 26.20 -16.95 -28.20
C GLU A 450 26.08 -15.77 -27.26
N VAL A 451 25.11 -15.81 -26.35
CA VAL A 451 24.84 -14.67 -25.50
C VAL A 451 25.57 -14.73 -24.16
N THR A 452 26.73 -14.04 -24.16
CA THR A 452 27.70 -14.07 -23.06
C THR A 452 27.56 -12.88 -22.12
N GLY A 453 28.34 -12.86 -21.02
CA GLY A 453 28.57 -11.63 -20.24
C GLY A 453 28.18 -11.76 -18.76
N SER A 454 28.42 -10.70 -17.97
CA SER A 454 28.33 -10.79 -16.51
C SER A 454 26.91 -11.13 -16.03
N THR A 455 26.80 -11.89 -14.94
CA THR A 455 25.50 -12.47 -14.50
C THR A 455 25.11 -12.11 -13.06
N VAL A 456 23.92 -12.54 -12.64
CA VAL A 456 23.35 -12.14 -11.35
C VAL A 456 22.26 -13.17 -10.98
N THR A 457 21.97 -13.30 -9.68
CA THR A 457 20.92 -14.20 -9.20
C THR A 457 19.58 -13.50 -9.25
N SER A 458 18.64 -14.12 -9.92
CA SER A 458 17.31 -13.56 -9.97
C SER A 458 16.37 -14.44 -9.18
N TYR A 459 15.44 -13.83 -8.46
CA TYR A 459 14.50 -14.58 -7.66
C TYR A 459 13.15 -14.76 -8.34
N TRP A 460 12.68 -16.01 -8.42
CA TRP A 460 11.37 -16.29 -9.01
C TRP A 460 10.39 -16.98 -8.06
N ALA A 461 9.09 -16.88 -8.37
CA ALA A 461 8.05 -17.50 -7.55
C ALA A 461 7.33 -18.63 -8.28
N ASN A 462 7.96 -19.21 -9.30
CA ASN A 462 7.39 -20.35 -9.99
C ASN A 462 8.06 -21.66 -9.56
N LYS A 463 8.02 -22.69 -10.41
CA LYS A 463 8.73 -23.94 -10.18
C LYS A 463 10.13 -23.94 -10.82
N SER A 464 10.23 -23.55 -12.09
CA SER A 464 11.49 -23.64 -12.82
C SER A 464 12.40 -22.39 -12.83
N GLY A 465 11.98 -21.28 -12.22
CA GLY A 465 12.78 -20.04 -12.24
C GLY A 465 12.81 -19.36 -13.60
N ALA A 466 13.89 -18.63 -13.89
CA ALA A 466 14.07 -17.91 -15.18
C ALA A 466 14.15 -18.78 -16.45
N PRO A 467 13.56 -18.30 -17.55
CA PRO A 467 13.71 -18.98 -18.86
C PRO A 467 15.08 -18.74 -19.55
N ALA A 468 15.36 -19.56 -20.58
CA ALA A 468 16.52 -19.35 -21.48
C ALA A 468 16.35 -17.97 -22.18
N THR A 469 17.49 -17.34 -22.52
CA THR A 469 17.39 -15.99 -23.07
C THR A 469 16.57 -16.15 -24.37
N SER A 470 15.84 -15.10 -24.76
CA SER A 470 15.04 -15.16 -25.97
C SER A 470 15.03 -13.74 -26.50
N TYR A 471 14.93 -13.57 -27.82
CA TYR A 471 15.03 -12.21 -28.37
C TYR A 471 14.24 -11.12 -27.62
N ARG A 472 12.92 -11.30 -27.54
CA ARG A 472 12.04 -10.39 -26.80
C ARG A 472 12.20 -10.62 -25.30
N PHE A 473 13.34 -10.22 -24.77
CA PHE A 473 13.73 -10.66 -23.45
C PHE A 473 13.04 -9.85 -22.35
N ALA A 474 12.55 -8.66 -22.69
CA ALA A 474 12.11 -7.71 -21.68
C ALA A 474 10.60 -7.74 -21.56
N ILE A 475 10.06 -7.20 -20.48
CA ILE A 475 8.65 -6.87 -20.42
C ILE A 475 8.34 -5.61 -21.24
N GLY A 476 7.68 -5.79 -22.38
CA GLY A 476 7.44 -4.68 -23.33
C GLY A 476 8.57 -4.40 -24.31
N GLY A 477 8.41 -3.36 -25.12
CA GLY A 477 9.42 -2.95 -26.10
C GLY A 477 8.82 -3.00 -27.50
N SER A 478 9.16 -2.03 -28.34
CA SER A 478 8.79 -2.08 -29.75
C SER A 478 9.92 -2.75 -30.50
N ASP A 479 9.67 -3.13 -31.77
CA ASP A 479 10.75 -3.61 -32.60
C ASP A 479 11.95 -2.63 -32.55
N ALA A 480 11.69 -1.34 -32.65
CA ALA A 480 12.81 -0.36 -32.62
C ALA A 480 13.58 -0.60 -31.35
N ASP A 481 12.83 -0.69 -30.25
CA ASP A 481 13.43 -0.82 -28.93
C ASP A 481 14.40 -2.00 -28.89
N TYR A 482 13.93 -3.16 -29.36
CA TYR A 482 14.76 -4.39 -29.34
C TYR A 482 15.95 -4.35 -30.29
N GLN A 483 15.80 -3.73 -31.45
CA GLN A 483 16.93 -3.54 -32.38
C GLN A 483 18.05 -2.74 -31.72
N ASN A 484 17.64 -1.60 -31.11
CA ASN A 484 18.55 -0.78 -30.32
C ASN A 484 19.21 -1.55 -29.18
N ALA A 485 18.39 -2.26 -28.40
CA ALA A 485 18.84 -2.92 -27.18
C ALA A 485 19.87 -3.97 -27.55
N TRP A 486 19.51 -4.81 -28.53
CA TRP A 486 20.35 -5.89 -28.92
C TRP A 486 21.63 -5.38 -29.59
N SER A 487 21.56 -4.19 -30.19
CA SER A 487 22.73 -3.58 -30.79
C SER A 487 23.75 -3.18 -29.73
N SER A 488 23.22 -2.55 -28.69
CA SER A 488 24.01 -2.13 -27.53
C SER A 488 24.63 -3.33 -26.82
N ILE A 489 23.77 -4.28 -26.43
CA ILE A 489 24.20 -5.60 -25.96
C ILE A 489 25.32 -6.22 -26.82
N VAL A 490 25.04 -6.48 -28.10
CA VAL A 490 26.07 -7.08 -28.97
C VAL A 490 27.39 -6.33 -28.89
N GLY A 491 27.33 -4.99 -28.96
CA GLY A 491 28.43 -4.11 -28.59
C GLY A 491 29.41 -4.71 -27.58
N SER A 492 28.89 -5.55 -26.68
CA SER A 492 29.76 -6.43 -25.89
C SER A 492 29.03 -7.78 -25.72
F9 ZA4 B . -0.06 8.45 -9.85
C8 ZA4 B . -0.53 8.27 -11.10
C11 ZA4 B . -1.90 8.19 -11.26
C12 ZA4 B . -2.44 7.98 -12.53
C13 ZA4 B . -1.61 7.84 -13.64
C14 ZA4 B . -0.24 7.92 -13.48
C7 ZA4 B . 0.30 8.08 -12.22
C5 ZA4 B . 1.73 8.41 -12.17
O6 ZA4 B . 2.21 9.05 -13.07
N4 ZA4 B . 2.47 7.61 -11.20
C3 ZA4 B . 3.88 7.72 -10.90
B ZA4 B . 4.20 7.29 -9.43
O1 ZA4 B . 3.22 7.99 -8.49
O2 ZA4 B . 5.66 7.63 -9.11
S SO4 C . -12.78 1.52 3.11
O1 SO4 C . -12.42 1.43 1.65
O2 SO4 C . -11.75 2.20 3.99
O3 SO4 C . -13.03 0.17 3.69
O4 SO4 C . -14.06 2.27 3.14
CL CL D . -11.71 -6.08 -17.68
CL CL E . -9.15 -8.83 -14.04
CL CL F . 19.51 2.81 4.25
CL CL G . -27.47 -5.52 29.20
CL CL H . 19.79 -21.39 -12.56
CL CL I . -11.01 0.36 -2.34
CL CL J . -13.88 -2.08 12.23
CL CL K . -7.86 11.69 17.34
CL CL L . 2.69 -19.96 -0.42
CL CL M . -4.14 0.97 25.24
CL CL N . 24.71 -9.84 -18.89
CL CL O . -13.88 11.34 12.30
CL CL P . -35.11 -1.83 21.07
NA NA Q . 6.55 8.30 -6.34
C1 EDO R . 16.07 -7.53 -5.19
O1 EDO R . 15.85 -8.82 -4.61
C2 EDO R . 17.14 -6.71 -4.45
O2 EDO R . 18.39 -6.81 -5.17
CL CL S . 18.57 11.88 1.21
CL CL T . -3.59 11.15 -21.88
#